data_8TCM
#
_entry.id   8TCM
#
_cell.length_a   77.309
_cell.length_b   99.406
_cell.length_c   104.747
_cell.angle_alpha   90.000
_cell.angle_beta   90.000
_cell.angle_gamma   90.000
#
_symmetry.space_group_name_H-M   'I 2 2 2'
#
loop_
_entity.id
_entity.type
_entity.pdbx_description
1 polymer 'p51 subunit'
2 non-polymer 'PICRIC ACID'
3 non-polymer 9H-xanthene-1,3,6,8-tetrol
4 water water
#
_entity_poly.entity_id   1
_entity_poly.type   'polypeptide(L)'
_entity_poly.pdbx_seq_one_letter_code
;SDHHHHHHGPISPIETVPVKLKPGMDGPKVKQWPLTEEKIKALVEICTEMEKEGKISKIGPENPYNTPVFAIKKKDSTKW
RKLVDFRELNKRTQDFWEVQLGIPHPAGLKKKKSVTVLDVGDAYFSVPLDEDFRKYTAFTIPSINNETPGIRYQYNVLPQ
GWKGSPAIFQSSMTKILEPFKKQNPDIVIYQYMDDLYVGSDLEIGQHRTKISELRQHLLRWGLTTPDGYELHPDKWTGSG
SGGYDPSKDLIAEIQKQGQGQWTYQIYQEPSKNLKTGKYARMRGAHTNDVKQLTEAVQKITTESIVIWGKTPKFKLPIQK
ETWETWWTEYWQATWIPEWEFVN
;
_entity_poly.pdbx_strand_id   B
#
# COMPACT_ATOMS: atom_id res chain seq x y z
N HIS A 8 -13.54 -10.65 10.98
CA HIS A 8 -13.55 -9.16 10.95
C HIS A 8 -14.84 -8.65 11.51
N GLY A 9 -14.76 -7.82 12.56
CA GLY A 9 -15.93 -7.46 13.32
C GLY A 9 -16.89 -6.55 12.59
N PRO A 10 -18.05 -6.32 13.20
CA PRO A 10 -19.08 -5.48 12.58
C PRO A 10 -18.71 -4.00 12.62
N ILE A 11 -19.29 -3.25 11.71
CA ILE A 11 -19.02 -1.82 11.65
C ILE A 11 -20.01 -1.08 12.55
N SER A 12 -19.67 0.20 12.82
CA SER A 12 -20.49 1.11 13.61
C SER A 12 -21.02 2.17 12.68
N PRO A 13 -22.33 2.21 12.45
CA PRO A 13 -22.84 3.21 11.50
C PRO A 13 -22.46 4.62 11.88
N ILE A 14 -22.30 4.92 13.16
CA ILE A 14 -21.99 6.31 13.47
C ILE A 14 -20.59 6.73 13.11
N GLU A 15 -19.74 5.80 12.69
CA GLU A 15 -18.38 6.13 12.26
C GLU A 15 -18.31 6.43 10.76
N THR A 16 -19.46 6.47 10.10
CA THR A 16 -19.48 6.84 8.67
C THR A 16 -19.17 8.32 8.51
N VAL A 17 -18.21 8.65 7.64
CA VAL A 17 -17.73 10.02 7.46
C VAL A 17 -18.03 10.43 6.02
N PRO A 18 -18.70 11.57 5.78
CA PRO A 18 -18.95 12.01 4.42
C PRO A 18 -17.66 12.29 3.70
N VAL A 19 -17.62 11.91 2.45
CA VAL A 19 -16.42 12.16 1.66
C VAL A 19 -16.83 12.50 0.26
N LYS A 20 -16.02 13.33 -0.43
CA LYS A 20 -16.40 13.85 -1.73
C LYS A 20 -15.25 13.67 -2.70
N LEU A 21 -15.59 13.61 -3.98
CA LEU A 21 -14.59 13.83 -5.01
C LEU A 21 -14.22 15.32 -5.06
N LYS A 22 -13.05 15.61 -5.64
CA LYS A 22 -12.67 17.01 -5.90
C LYS A 22 -13.72 17.66 -6.79
N PRO A 23 -13.94 18.98 -6.64
CA PRO A 23 -15.00 19.66 -7.39
C PRO A 23 -14.84 19.50 -8.89
N GLY A 24 -15.93 19.16 -9.56
CA GLY A 24 -15.88 19.03 -10.99
C GLY A 24 -15.23 17.79 -11.53
N MET A 25 -14.88 16.83 -10.68
CA MET A 25 -14.30 15.56 -11.11
C MET A 25 -15.32 14.45 -10.96
N ASP A 26 -15.36 13.56 -11.93
CA ASP A 26 -16.17 12.36 -11.86
C ASP A 26 -15.32 11.20 -11.37
N GLY A 27 -15.98 10.09 -11.08
CA GLY A 27 -15.29 8.91 -10.60
C GLY A 27 -14.41 8.27 -11.65
N PRO A 28 -13.60 7.30 -11.21
CA PRO A 28 -12.65 6.66 -12.10
C PRO A 28 -13.30 5.66 -13.02
N LYS A 29 -12.74 5.54 -14.21
N LYS A 29 -12.75 5.57 -14.21
CA LYS A 29 -13.15 4.47 -15.10
CA LYS A 29 -13.12 4.58 -15.21
C LYS A 29 -11.88 3.97 -15.80
C LYS A 29 -11.79 4.05 -15.78
N VAL A 30 -11.20 3.06 -15.11
CA VAL A 30 -9.95 2.47 -15.54
C VAL A 30 -10.26 1.01 -15.75
N LYS A 31 -10.00 0.51 -16.94
CA LYS A 31 -10.48 -0.83 -17.25
C LYS A 31 -9.68 -1.93 -16.53
N GLN A 32 -10.33 -3.06 -16.31
CA GLN A 32 -9.67 -4.22 -15.70
C GLN A 32 -8.85 -4.94 -16.76
N TRP A 33 -7.57 -5.12 -16.49
CA TRP A 33 -6.74 -5.89 -17.41
C TRP A 33 -6.91 -7.38 -17.16
N PRO A 34 -6.63 -8.18 -18.17
CA PRO A 34 -6.91 -9.60 -18.06
C PRO A 34 -5.99 -10.24 -17.01
N LEU A 35 -6.50 -11.30 -16.38
CA LEU A 35 -5.79 -12.05 -15.35
C LEU A 35 -5.76 -13.53 -15.69
N THR A 36 -4.76 -14.23 -15.14
CA THR A 36 -4.72 -15.68 -15.28
C THR A 36 -5.90 -16.30 -14.55
N GLU A 37 -6.30 -17.49 -15.01
CA GLU A 37 -7.43 -18.15 -14.37
C GLU A 37 -7.15 -18.45 -12.91
N GLU A 38 -5.88 -18.68 -12.58
CA GLU A 38 -5.49 -18.90 -11.18
C GLU A 38 -5.78 -17.66 -10.34
N LYS A 39 -5.45 -16.50 -10.89
CA LYS A 39 -5.68 -15.27 -10.16
C LYS A 39 -7.16 -14.97 -10.08
N ILE A 40 -7.91 -15.30 -11.12
CA ILE A 40 -9.36 -15.07 -11.07
C ILE A 40 -10.01 -15.93 -9.99
N LYS A 41 -9.66 -17.21 -9.96
CA LYS A 41 -10.18 -18.11 -8.91
C LYS A 41 -9.86 -17.57 -7.53
N ALA A 42 -8.64 -17.11 -7.33
CA ALA A 42 -8.26 -16.58 -6.01
C ALA A 42 -9.12 -15.37 -5.64
N LEU A 43 -9.30 -14.46 -6.59
CA LEU A 43 -10.13 -13.31 -6.34
C LEU A 43 -11.58 -13.68 -6.11
N VAL A 44 -12.11 -14.63 -6.86
CA VAL A 44 -13.46 -15.06 -6.62
C VAL A 44 -13.60 -15.58 -5.19
N GLU A 45 -12.61 -16.35 -4.72
CA GLU A 45 -12.69 -16.88 -3.36
C GLU A 45 -12.61 -15.75 -2.33
N ILE A 46 -11.68 -14.83 -2.51
CA ILE A 46 -11.53 -13.70 -1.58
C ILE A 46 -12.81 -12.88 -1.54
N CYS A 47 -13.31 -12.56 -2.72
CA CYS A 47 -14.44 -11.66 -2.78
C CYS A 47 -15.70 -12.34 -2.26
N THR A 48 -15.89 -13.63 -2.51
CA THR A 48 -17.01 -14.33 -1.89
C THR A 48 -16.99 -14.20 -0.37
N GLU A 49 -15.81 -14.31 0.25
N GLU A 49 -15.82 -14.31 0.25
CA GLU A 49 -15.75 -14.14 1.70
CA GLU A 49 -15.76 -14.16 1.71
C GLU A 49 -16.02 -12.71 2.11
C GLU A 49 -16.02 -12.71 2.12
N MET A 50 -15.43 -11.75 1.41
CA MET A 50 -15.66 -10.35 1.77
C MET A 50 -17.12 -10.01 1.70
N GLU A 51 -17.80 -10.54 0.67
CA GLU A 51 -19.20 -10.27 0.46
C GLU A 51 -20.03 -10.88 1.58
N LYS A 52 -19.71 -12.11 1.96
CA LYS A 52 -20.44 -12.75 3.05
C LYS A 52 -20.30 -11.97 4.32
N GLU A 53 -19.16 -11.31 4.54
N GLU A 53 -19.16 -11.30 4.54
CA GLU A 53 -18.95 -10.51 5.73
CA GLU A 53 -18.94 -10.50 5.73
C GLU A 53 -19.41 -9.06 5.58
C GLU A 53 -19.38 -9.06 5.58
N GLY A 54 -20.03 -8.69 4.48
CA GLY A 54 -20.55 -7.34 4.31
C GLY A 54 -19.53 -6.30 3.87
N LYS A 55 -18.30 -6.67 3.58
CA LYS A 55 -17.27 -5.69 3.27
C LYS A 55 -17.37 -5.15 1.84
N ILE A 56 -17.88 -5.95 0.91
CA ILE A 56 -18.18 -5.52 -0.44
C ILE A 56 -19.59 -6.05 -0.78
N SER A 57 -20.17 -5.49 -1.84
CA SER A 57 -21.48 -5.88 -2.35
C SER A 57 -21.43 -5.95 -3.86
N LYS A 58 -22.11 -6.94 -4.42
CA LYS A 58 -22.36 -6.94 -5.86
C LYS A 58 -23.18 -5.73 -6.25
N ILE A 59 -22.89 -5.19 -7.45
CA ILE A 59 -23.58 -4.00 -7.91
C ILE A 59 -24.33 -4.32 -9.21
N GLY A 60 -25.30 -3.45 -9.50
CA GLY A 60 -26.14 -3.58 -10.67
C GLY A 60 -25.53 -2.94 -11.88
N PRO A 61 -26.28 -3.03 -12.99
CA PRO A 61 -25.79 -2.56 -14.28
C PRO A 61 -25.65 -1.04 -14.35
N GLU A 62 -26.20 -0.28 -13.40
CA GLU A 62 -26.22 1.16 -13.62
C GLU A 62 -24.82 1.75 -13.43
N ASN A 63 -23.99 1.12 -12.62
CA ASN A 63 -22.71 1.71 -12.17
C ASN A 63 -21.65 1.71 -13.26
N PRO A 64 -21.15 2.87 -13.68
CA PRO A 64 -20.22 2.94 -14.83
C PRO A 64 -18.75 3.03 -14.45
N TYR A 65 -18.41 3.03 -13.16
CA TYR A 65 -17.04 3.26 -12.68
C TYR A 65 -16.23 1.98 -12.66
N ASN A 66 -14.91 2.12 -12.67
CA ASN A 66 -14.09 0.94 -12.52
C ASN A 66 -12.70 1.29 -12.06
N THR A 67 -12.19 0.45 -11.18
CA THR A 67 -10.82 0.49 -10.67
C THR A 67 -10.23 -0.90 -10.81
N PRO A 68 -9.01 -1.04 -11.35
CA PRO A 68 -8.43 -2.38 -11.55
C PRO A 68 -8.01 -3.07 -10.28
N VAL A 69 -8.15 -4.40 -10.32
CA VAL A 69 -7.75 -5.26 -9.21
C VAL A 69 -6.79 -6.31 -9.73
N PHE A 70 -5.95 -6.82 -8.82
CA PHE A 70 -5.16 -7.98 -9.17
C PHE A 70 -4.89 -8.81 -7.92
N ALA A 71 -4.18 -9.89 -8.12
CA ALA A 71 -3.92 -10.85 -7.05
C ALA A 71 -2.43 -11.14 -7.01
N ILE A 72 -1.88 -11.29 -5.81
CA ILE A 72 -0.45 -11.55 -5.62
C ILE A 72 -0.32 -12.47 -4.43
N LYS A 73 0.84 -13.14 -4.32
CA LYS A 73 1.09 -14.04 -3.18
C LYS A 73 1.92 -13.38 -2.09
N THR A 78 2.42 -18.77 -0.81
CA THR A 78 1.39 -19.57 -0.18
C THR A 78 -0.02 -19.06 -0.52
N LYS A 79 -0.51 -18.11 0.26
CA LYS A 79 -1.84 -17.54 0.09
C LYS A 79 -1.82 -16.36 -0.88
N TRP A 80 -3.01 -15.95 -1.32
CA TRP A 80 -3.16 -14.83 -2.23
C TRP A 80 -3.71 -13.62 -1.50
N ARG A 81 -3.32 -12.42 -1.95
CA ARG A 81 -3.95 -11.21 -1.45
C ARG A 81 -4.48 -10.39 -2.64
N LYS A 82 -5.60 -9.73 -2.43
CA LYS A 82 -6.18 -8.85 -3.44
C LYS A 82 -5.49 -7.50 -3.34
N LEU A 83 -5.05 -6.96 -4.47
N LEU A 83 -5.04 -6.97 -4.47
CA LEU A 83 -4.51 -5.61 -4.54
CA LEU A 83 -4.52 -5.61 -4.53
C LEU A 83 -5.36 -4.78 -5.50
C LEU A 83 -5.38 -4.79 -5.49
N VAL A 84 -5.68 -3.56 -5.11
CA VAL A 84 -6.51 -2.66 -5.90
C VAL A 84 -5.65 -1.48 -6.32
N ASP A 85 -5.68 -1.13 -7.60
CA ASP A 85 -4.92 0.02 -8.07
C ASP A 85 -5.81 1.24 -7.99
N PHE A 86 -5.85 1.89 -6.82
CA PHE A 86 -6.65 3.08 -6.61
C PHE A 86 -5.97 4.39 -7.03
N ARG A 87 -4.94 4.37 -7.85
CA ARG A 87 -4.29 5.63 -8.19
C ARG A 87 -5.24 6.66 -8.77
N GLU A 88 -6.12 6.26 -9.66
CA GLU A 88 -7.01 7.24 -10.29
C GLU A 88 -8.06 7.75 -9.32
N LEU A 89 -8.65 6.85 -8.52
CA LEU A 89 -9.57 7.32 -7.48
C LEU A 89 -8.86 8.23 -6.51
N ASN A 90 -7.63 7.90 -6.14
CA ASN A 90 -6.90 8.79 -5.24
C ASN A 90 -6.75 10.19 -5.81
N LYS A 91 -6.42 10.32 -7.11
CA LYS A 91 -6.27 11.64 -7.70
C LYS A 91 -7.55 12.41 -7.65
N ARG A 92 -8.66 11.72 -7.69
CA ARG A 92 -9.96 12.33 -7.82
C ARG A 92 -10.64 12.61 -6.50
N THR A 93 -10.12 12.06 -5.40
CA THR A 93 -10.71 12.17 -4.08
C THR A 93 -10.26 13.48 -3.45
N GLN A 94 -11.17 14.12 -2.75
CA GLN A 94 -10.86 15.33 -1.99
C GLN A 94 -9.60 15.16 -1.14
N ASP A 95 -8.93 16.26 -0.83
CA ASP A 95 -7.86 16.21 0.14
C ASP A 95 -8.45 16.31 1.54
N PHE A 96 -7.69 15.85 2.51
CA PHE A 96 -8.14 15.81 3.89
C PHE A 96 -7.30 16.66 4.86
N PRO A 104 3.99 15.12 11.36
CA PRO A 104 5.35 15.52 10.95
C PRO A 104 6.33 14.35 10.92
N HIS A 105 7.27 14.42 10.02
CA HIS A 105 8.25 13.37 9.88
C HIS A 105 9.37 13.52 10.90
N PRO A 106 9.68 12.50 11.70
CA PRO A 106 10.82 12.65 12.62
C PRO A 106 12.16 12.49 11.92
N ALA A 107 13.03 13.51 12.06
CA ALA A 107 14.37 13.42 11.46
C ALA A 107 15.22 12.36 12.15
N GLY A 108 14.84 11.95 13.36
CA GLY A 108 15.57 10.93 14.07
C GLY A 108 15.23 9.51 13.69
N LEU A 109 14.19 9.29 12.89
CA LEU A 109 13.81 7.93 12.57
C LEU A 109 14.96 7.19 11.85
N LYS A 110 15.63 7.88 10.94
CA LYS A 110 16.72 7.25 10.19
C LYS A 110 17.96 6.99 11.03
N LYS A 111 18.05 7.57 12.23
CA LYS A 111 19.16 7.34 13.15
C LYS A 111 18.95 6.18 14.09
N LYS A 112 17.80 5.54 14.07
CA LYS A 112 17.49 4.51 15.03
C LYS A 112 18.18 3.22 14.70
N LYS A 113 18.51 2.46 15.75
CA LYS A 113 19.14 1.17 15.55
C LYS A 113 18.23 0.24 14.77
N SER A 114 16.92 0.30 15.04
CA SER A 114 15.95 -0.55 14.37
C SER A 114 14.66 0.26 14.14
N VAL A 115 14.06 0.02 12.98
CA VAL A 115 12.75 0.54 12.63
C VAL A 115 11.98 -0.63 12.05
N THR A 116 10.88 -0.99 12.69
CA THR A 116 10.02 -2.05 12.20
C THR A 116 8.79 -1.45 11.56
N VAL A 117 8.52 -1.89 10.34
CA VAL A 117 7.38 -1.45 9.54
C VAL A 117 6.25 -2.45 9.73
N LEU A 118 5.10 -1.96 10.21
CA LEU A 118 3.91 -2.77 10.49
C LEU A 118 2.76 -2.29 9.61
N ASP A 119 2.20 -3.20 8.82
CA ASP A 119 1.02 -2.91 8.02
C ASP A 119 -0.22 -2.96 8.93
N VAL A 120 -0.92 -1.83 9.03
CA VAL A 120 -2.10 -1.75 9.87
C VAL A 120 -3.37 -1.58 9.03
N GLY A 121 -3.32 -1.95 7.76
CA GLY A 121 -4.49 -1.78 6.89
C GLY A 121 -5.68 -2.66 7.23
N ASP A 122 -5.46 -3.73 8.01
N ASP A 122 -5.47 -3.73 8.00
CA ASP A 122 -6.56 -4.59 8.44
CA ASP A 122 -6.62 -4.56 8.36
C ASP A 122 -7.63 -3.79 9.16
C ASP A 122 -7.64 -3.79 9.19
N ALA A 123 -7.24 -2.67 9.77
CA ALA A 123 -8.17 -1.87 10.56
C ALA A 123 -9.38 -1.46 9.75
N TYR A 124 -9.16 -1.22 8.46
CA TYR A 124 -10.14 -0.53 7.63
C TYR A 124 -11.38 -1.35 7.37
N PHE A 125 -11.30 -2.66 7.48
CA PHE A 125 -12.43 -3.52 7.25
C PHE A 125 -13.54 -3.32 8.28
N SER A 126 -13.21 -2.72 9.43
CA SER A 126 -14.18 -2.49 10.48
C SER A 126 -14.78 -1.08 10.46
N VAL A 127 -14.54 -0.29 9.42
CA VAL A 127 -15.07 1.07 9.34
C VAL A 127 -15.87 1.25 8.05
N PRO A 128 -17.08 1.80 8.13
CA PRO A 128 -17.94 1.94 6.96
C PRO A 128 -17.49 3.06 6.06
N LEU A 129 -17.74 2.87 4.76
CA LEU A 129 -17.54 3.93 3.76
C LEU A 129 -18.86 4.64 3.47
N ASP A 130 -18.82 5.98 3.43
CA ASP A 130 -19.94 6.81 3.00
C ASP A 130 -20.76 6.15 1.90
N GLU A 131 -22.07 5.94 2.16
CA GLU A 131 -22.86 5.20 1.19
C GLU A 131 -22.86 5.87 -0.17
N ASP A 132 -22.81 7.18 -0.19
CA ASP A 132 -22.84 7.93 -1.45
C ASP A 132 -21.51 7.85 -2.22
N PHE A 133 -20.43 7.46 -1.56
CA PHE A 133 -19.12 7.35 -2.19
C PHE A 133 -18.81 5.95 -2.69
N ARG A 134 -19.59 4.94 -2.23
CA ARG A 134 -19.29 3.55 -2.51
C ARG A 134 -19.26 3.23 -4.00
N LYS A 135 -20.07 3.94 -4.81
CA LYS A 135 -20.14 3.66 -6.24
C LYS A 135 -18.81 3.92 -6.94
N TYR A 136 -18.00 4.84 -6.41
CA TYR A 136 -16.72 5.15 -7.03
C TYR A 136 -15.64 4.09 -6.75
N THR A 137 -15.91 3.11 -5.89
CA THR A 137 -14.96 2.06 -5.61
C THR A 137 -15.23 0.81 -6.45
N ALA A 138 -16.10 0.90 -7.46
CA ALA A 138 -16.53 -0.26 -8.21
C ALA A 138 -15.33 -0.92 -8.85
N PHE A 139 -15.38 -2.25 -8.90
CA PHE A 139 -14.34 -3.04 -9.56
C PHE A 139 -14.97 -4.30 -10.13
N THR A 140 -14.20 -4.94 -11.01
CA THR A 140 -14.63 -6.11 -11.76
C THR A 140 -13.68 -7.28 -11.60
N ILE A 141 -14.19 -8.43 -11.19
CA ILE A 141 -13.38 -9.62 -11.31
C ILE A 141 -13.50 -10.09 -12.75
N PRO A 142 -12.42 -10.15 -13.51
CA PRO A 142 -12.57 -10.39 -14.94
C PRO A 142 -12.91 -11.84 -15.23
N SER A 143 -13.51 -12.01 -16.40
CA SER A 143 -13.68 -13.33 -16.99
C SER A 143 -12.37 -13.78 -17.62
N ILE A 144 -12.28 -15.08 -17.91
CA ILE A 144 -11.13 -15.59 -18.64
C ILE A 144 -11.01 -14.84 -19.96
N ASN A 145 -9.83 -14.31 -20.23
CA ASN A 145 -9.47 -13.53 -21.42
C ASN A 145 -10.30 -12.27 -21.60
N ASN A 146 -11.05 -11.84 -20.59
CA ASN A 146 -11.91 -10.68 -20.71
C ASN A 146 -12.90 -10.86 -21.86
N GLU A 147 -13.37 -12.08 -22.10
CA GLU A 147 -14.24 -12.34 -23.24
C GLU A 147 -15.70 -12.12 -22.92
N THR A 148 -16.09 -12.20 -21.65
CA THR A 148 -17.47 -12.09 -21.20
C THR A 148 -17.50 -11.19 -19.99
N PRO A 149 -18.66 -10.65 -19.64
CA PRO A 149 -18.73 -9.66 -18.58
C PRO A 149 -18.25 -10.24 -17.26
N GLY A 150 -17.50 -9.45 -16.53
CA GLY A 150 -16.96 -9.89 -15.27
C GLY A 150 -17.97 -9.74 -14.17
N ILE A 151 -17.48 -9.91 -12.93
CA ILE A 151 -18.31 -9.89 -11.73
C ILE A 151 -18.07 -8.57 -11.01
N ARG A 152 -19.11 -7.72 -10.92
CA ARG A 152 -18.95 -6.34 -10.48
C ARG A 152 -19.30 -6.17 -9.00
N TYR A 153 -18.45 -5.46 -8.29
CA TYR A 153 -18.62 -5.23 -6.86
C TYR A 153 -18.29 -3.78 -6.55
N GLN A 154 -18.67 -3.32 -5.34
CA GLN A 154 -18.13 -2.10 -4.75
C GLN A 154 -17.89 -2.32 -3.23
N TYR A 155 -17.03 -1.49 -2.66
CA TYR A 155 -16.76 -1.55 -1.24
C TYR A 155 -17.85 -0.91 -0.43
N ASN A 156 -18.05 -1.45 0.77
CA ASN A 156 -18.92 -0.90 1.80
C ASN A 156 -18.12 -0.36 2.98
N VAL A 157 -16.83 -0.63 3.02
CA VAL A 157 -15.91 -0.27 4.10
C VAL A 157 -14.72 0.44 3.49
N LEU A 158 -13.97 1.10 4.37
CA LEU A 158 -12.76 1.78 3.91
C LEU A 158 -11.88 0.80 3.16
N PRO A 159 -11.46 1.12 1.92
CA PRO A 159 -10.61 0.17 1.20
C PRO A 159 -9.13 0.43 1.41
N GLN A 160 -8.38 -0.65 1.44
CA GLN A 160 -6.93 -0.54 1.51
C GLN A 160 -6.40 -0.03 0.19
N GLY A 161 -5.53 0.95 0.24
CA GLY A 161 -4.98 1.56 -0.97
C GLY A 161 -5.63 2.88 -1.32
N TRP A 162 -6.74 3.20 -0.69
CA TRP A 162 -7.44 4.45 -0.94
C TRP A 162 -6.89 5.48 0.02
N LYS A 163 -6.60 6.69 -0.46
CA LYS A 163 -5.98 7.65 0.44
C LYS A 163 -6.90 8.15 1.53
N GLY A 164 -8.22 8.02 1.37
CA GLY A 164 -9.13 8.42 2.42
C GLY A 164 -9.09 7.53 3.65
N SER A 165 -8.65 6.28 3.50
CA SER A 165 -8.79 5.30 4.57
C SER A 165 -7.94 5.68 5.77
N PRO A 166 -6.61 5.90 5.62
CA PRO A 166 -5.82 6.31 6.82
C PRO A 166 -6.21 7.66 7.35
N ALA A 167 -6.66 8.57 6.51
CA ALA A 167 -7.12 9.87 7.02
C ALA A 167 -8.33 9.70 7.91
N ILE A 168 -9.28 8.88 7.47
CA ILE A 168 -10.51 8.71 8.22
C ILE A 168 -10.24 7.93 9.50
N PHE A 169 -9.34 6.96 9.46
CA PHE A 169 -9.05 6.11 10.63
C PHE A 169 -8.13 6.79 11.66
N GLN A 170 -7.62 7.97 11.37
CA GLN A 170 -6.53 8.53 12.19
C GLN A 170 -6.96 8.73 13.64
N SER A 171 -8.17 9.24 13.88
CA SER A 171 -8.55 9.50 15.28
C SER A 171 -8.64 8.21 16.11
N SER A 172 -9.16 7.13 15.52
CA SER A 172 -9.12 5.84 16.19
C SER A 172 -7.70 5.32 16.34
N MET A 173 -6.87 5.42 15.30
CA MET A 173 -5.51 4.95 15.45
C MET A 173 -4.82 5.66 16.59
N THR A 174 -5.01 6.98 16.70
CA THR A 174 -4.41 7.73 17.80
C THR A 174 -4.88 7.22 19.16
N LYS A 175 -6.19 7.02 19.33
CA LYS A 175 -6.71 6.52 20.59
C LYS A 175 -6.12 5.15 20.92
N ILE A 176 -6.01 4.30 19.93
CA ILE A 176 -5.45 2.97 20.13
C ILE A 176 -3.99 3.06 20.53
N LEU A 177 -3.21 3.92 19.88
CA LEU A 177 -1.79 3.95 20.16
C LEU A 177 -1.44 4.66 21.47
N GLU A 178 -2.29 5.54 21.96
CA GLU A 178 -1.90 6.39 23.08
C GLU A 178 -1.32 5.65 24.27
N PRO A 179 -1.87 4.53 24.75
CA PRO A 179 -1.24 3.89 25.92
C PRO A 179 0.16 3.39 25.64
N PHE A 180 0.38 2.88 24.43
CA PHE A 180 1.71 2.40 24.08
C PHE A 180 2.68 3.56 24.01
N LYS A 181 2.27 4.66 23.36
CA LYS A 181 3.21 5.77 23.25
C LYS A 181 3.50 6.37 24.62
N LYS A 182 2.49 6.47 25.49
CA LYS A 182 2.71 7.04 26.81
C LYS A 182 3.70 6.19 27.59
N GLN A 183 3.57 4.89 27.48
CA GLN A 183 4.43 4.01 28.26
C GLN A 183 5.80 3.82 27.65
N ASN A 184 6.04 4.28 26.43
CA ASN A 184 7.31 4.04 25.73
C ASN A 184 7.81 5.32 25.10
N PRO A 185 8.19 6.28 25.93
CA PRO A 185 8.75 7.52 25.41
C PRO A 185 10.04 7.33 24.60
N ASP A 186 10.76 6.22 24.78
CA ASP A 186 11.99 5.99 23.99
C ASP A 186 11.72 5.49 22.58
N ILE A 187 10.45 5.27 22.23
CA ILE A 187 10.10 4.69 20.94
C ILE A 187 9.42 5.74 20.08
N VAL A 188 9.87 5.87 18.83
CA VAL A 188 9.24 6.76 17.86
C VAL A 188 8.29 5.93 17.02
N ILE A 189 7.06 6.41 16.89
CA ILE A 189 6.06 5.80 15.99
C ILE A 189 5.65 6.83 14.96
N TYR A 190 5.92 6.54 13.69
CA TYR A 190 5.57 7.41 12.57
C TYR A 190 4.62 6.66 11.66
N GLN A 191 3.53 7.28 11.30
CA GLN A 191 2.62 6.63 10.37
C GLN A 191 2.78 7.23 8.98
N TYR A 192 2.80 6.37 7.98
CA TYR A 192 2.82 6.86 6.60
C TYR A 192 1.94 5.93 5.77
N MET A 193 0.95 6.48 5.08
CA MET A 193 0.00 5.64 4.32
C MET A 193 -0.58 4.61 5.29
N ASP A 194 -0.54 3.31 4.98
CA ASP A 194 -1.16 2.29 5.84
C ASP A 194 -0.17 1.57 6.74
N ASP A 195 1.00 2.14 6.95
CA ASP A 195 2.05 1.49 7.73
C ASP A 195 2.41 2.33 8.94
N LEU A 196 2.79 1.65 10.02
CA LEU A 196 3.49 2.27 11.14
C LEU A 196 4.98 1.94 11.05
N TYR A 197 5.82 2.95 11.31
CA TYR A 197 7.26 2.81 11.36
C TYR A 197 7.63 3.00 12.83
N VAL A 198 8.11 1.95 13.48
CA VAL A 198 8.31 1.94 14.95
C VAL A 198 9.80 1.85 15.17
N GLY A 199 10.41 2.92 15.66
CA GLY A 199 11.85 3.01 15.77
C GLY A 199 12.34 3.12 17.20
N SER A 200 13.45 2.46 17.47
CA SER A 200 14.10 2.63 18.78
C SER A 200 15.58 2.34 18.69
N ASP A 201 16.29 2.70 19.76
CA ASP A 201 17.69 2.34 19.90
C ASP A 201 17.89 1.23 20.91
N LEU A 202 16.85 0.48 21.21
CA LEU A 202 16.92 -0.65 22.09
C LEU A 202 17.74 -1.77 21.46
N GLU A 203 18.27 -2.63 22.31
CA GLU A 203 18.84 -3.90 21.85
C GLU A 203 17.82 -4.67 21.04
N ILE A 204 18.27 -5.40 20.01
CA ILE A 204 17.30 -5.91 19.03
C ILE A 204 16.25 -6.79 19.73
N GLY A 205 16.68 -7.62 20.69
CA GLY A 205 15.71 -8.43 21.42
C GLY A 205 14.69 -7.60 22.17
N GLN A 206 15.15 -6.52 22.81
CA GLN A 206 14.22 -5.66 23.54
C GLN A 206 13.30 -4.90 22.58
N HIS A 207 13.86 -4.40 21.48
CA HIS A 207 13.02 -3.78 20.43
C HIS A 207 11.95 -4.75 19.96
N ARG A 208 12.34 -6.00 19.67
CA ARG A 208 11.36 -6.97 19.19
C ARG A 208 10.26 -7.22 20.21
N THR A 209 10.61 -7.28 21.50
CA THR A 209 9.60 -7.42 22.57
C THR A 209 8.61 -6.25 22.55
N LYS A 210 9.11 -5.02 22.34
CA LYS A 210 8.21 -3.88 22.28
C LYS A 210 7.31 -3.99 21.06
N ILE A 211 7.84 -4.50 19.95
CA ILE A 211 6.99 -4.67 18.77
C ILE A 211 5.89 -5.66 19.08
N SER A 212 6.23 -6.71 19.80
CA SER A 212 5.23 -7.71 20.13
C SER A 212 4.16 -7.14 21.05
N GLU A 213 4.55 -6.36 22.06
CA GLU A 213 3.56 -5.71 22.91
C GLU A 213 2.64 -4.82 22.08
N LEU A 214 3.21 -4.10 21.13
CA LEU A 214 2.40 -3.24 20.27
C LEU A 214 1.41 -4.06 19.48
N ARG A 215 1.88 -5.13 18.83
CA ARG A 215 0.97 -5.94 18.01
C ARG A 215 -0.12 -6.57 18.88
N GLN A 216 0.21 -6.96 20.10
CA GLN A 216 -0.80 -7.52 20.99
C GLN A 216 -1.82 -6.47 21.41
N HIS A 217 -1.36 -5.22 21.63
CA HIS A 217 -2.28 -4.12 21.90
C HIS A 217 -3.21 -3.84 20.73
N LEU A 218 -2.67 -3.74 19.51
CA LEU A 218 -3.52 -3.61 18.34
C LEU A 218 -4.55 -4.71 18.26
N LEU A 219 -4.10 -5.94 18.46
CA LEU A 219 -4.98 -7.08 18.31
C LEU A 219 -6.13 -7.01 19.31
N ARG A 220 -5.82 -6.58 20.53
CA ARG A 220 -6.84 -6.43 21.57
C ARG A 220 -7.95 -5.50 21.10
N TRP A 221 -7.62 -4.53 20.26
CA TRP A 221 -8.60 -3.60 19.72
C TRP A 221 -9.12 -4.04 18.35
N GLY A 222 -8.80 -5.27 17.92
CA GLY A 222 -9.39 -5.80 16.67
C GLY A 222 -8.54 -5.59 15.43
N LEU A 223 -7.32 -5.13 15.57
CA LEU A 223 -6.42 -4.83 14.44
C LEU A 223 -5.38 -5.92 14.32
N THR A 224 -5.53 -6.85 13.36
CA THR A 224 -4.51 -7.84 13.10
C THR A 224 -3.38 -7.19 12.30
N THR A 225 -2.19 -7.69 12.52
CA THR A 225 -1.06 -7.23 11.74
C THR A 225 -0.24 -8.44 11.29
N PRO A 226 0.38 -8.37 10.14
CA PRO A 226 1.40 -9.35 9.77
C PRO A 226 2.70 -9.09 10.51
N ASP A 227 3.61 -10.04 10.43
CA ASP A 227 4.91 -9.80 11.02
C ASP A 227 5.49 -8.53 10.37
N GLY A 228 6.19 -7.79 11.11
CA GLY A 228 6.75 -6.60 10.56
C GLY A 228 8.08 -6.86 9.88
N TYR A 229 8.47 -5.89 9.06
N TYR A 229 8.49 -5.95 9.02
CA TYR A 229 9.73 -5.87 8.36
CA TYR A 229 9.80 -6.06 8.38
C TYR A 229 10.72 -5.01 9.12
C TYR A 229 10.75 -5.05 9.02
N GLU A 230 11.92 -5.54 9.38
CA GLU A 230 12.88 -4.84 10.20
C GLU A 230 13.94 -4.15 9.36
N LEU A 231 14.14 -2.88 9.64
CA LEU A 231 15.15 -2.04 9.04
C LEU A 231 16.16 -1.61 10.10
N HIS A 232 17.38 -1.30 9.67
CA HIS A 232 18.42 -0.85 10.61
C HIS A 232 19.06 0.38 9.97
N PRO A 233 18.36 1.52 10.02
CA PRO A 233 18.77 2.64 9.17
C PRO A 233 19.99 3.37 9.68
N ASP A 234 20.38 3.21 10.94
CA ASP A 234 21.62 3.85 11.38
C ASP A 234 22.84 3.29 10.63
N LYS A 235 22.65 2.17 9.92
CA LYS A 235 23.71 1.55 9.12
C LYS A 235 23.65 1.98 7.67
N TRP A 236 22.64 2.71 7.25
CA TRP A 236 22.54 3.09 5.86
C TRP A 236 23.59 4.16 5.50
N THR A 237 24.06 4.09 4.25
CA THR A 237 25.20 4.88 3.78
C THR A 237 25.17 6.34 4.22
N GLY A 243 20.69 18.99 0.05
CA GLY A 243 19.70 19.75 0.79
C GLY A 243 18.24 19.47 0.42
N TYR A 244 17.51 18.80 1.32
CA TYR A 244 16.13 18.44 1.02
C TYR A 244 15.18 19.63 1.18
N ASP A 245 14.30 19.81 0.18
CA ASP A 245 13.33 20.90 0.14
C ASP A 245 11.95 20.28 0.36
N PRO A 246 11.37 20.40 1.56
CA PRO A 246 10.10 19.71 1.83
C PRO A 246 9.02 20.13 0.87
N SER A 247 9.12 21.36 0.36
CA SER A 247 8.23 21.80 -0.70
C SER A 247 8.32 20.88 -1.90
N ASP A 249 8.99 17.61 -4.18
CA ASP A 249 8.76 16.33 -4.87
C ASP A 249 10.05 15.54 -5.09
N LEU A 250 10.02 14.24 -4.76
CA LEU A 250 11.19 13.39 -4.84
C LEU A 250 11.14 12.58 -6.12
N ILE A 251 12.24 12.57 -6.87
CA ILE A 251 12.38 11.76 -8.06
C ILE A 251 13.48 10.73 -7.79
N ALA A 252 13.18 9.46 -8.12
CA ALA A 252 14.13 8.36 -7.99
C ALA A 252 14.32 7.81 -9.38
N GLU A 253 15.56 7.86 -9.88
CA GLU A 253 15.92 7.39 -11.21
C GLU A 253 16.79 6.13 -11.08
N ILE A 254 16.36 5.06 -11.72
CA ILE A 254 17.10 3.80 -11.73
C ILE A 254 17.61 3.62 -13.16
N GLN A 255 18.85 3.26 -13.30
CA GLN A 255 19.43 3.05 -14.61
C GLN A 255 20.19 1.74 -14.57
N LYS A 256 20.29 1.13 -15.77
CA LYS A 256 21.09 -0.06 -15.98
C LYS A 256 22.56 0.37 -16.03
N GLN A 257 23.39 -0.31 -15.25
CA GLN A 257 24.82 -0.10 -15.27
C GLN A 257 25.47 -1.37 -15.81
N GLY A 258 25.24 -1.63 -17.11
CA GLY A 258 25.75 -2.82 -17.74
C GLY A 258 25.03 -4.10 -17.27
N GLN A 259 25.67 -5.22 -17.57
CA GLN A 259 25.04 -6.53 -17.41
C GLN A 259 24.78 -6.89 -15.95
N GLY A 260 25.45 -6.25 -15.00
CA GLY A 260 25.48 -6.81 -13.65
C GLY A 260 24.99 -5.99 -12.47
N GLN A 261 24.65 -4.73 -12.68
CA GLN A 261 24.08 -4.05 -11.53
C GLN A 261 23.19 -2.89 -11.98
N TRP A 262 22.43 -2.41 -11.01
CA TRP A 262 21.55 -1.25 -11.11
C TRP A 262 22.18 -0.14 -10.30
N THR A 263 22.02 1.09 -10.75
CA THR A 263 22.32 2.26 -9.93
C THR A 263 21.04 3.06 -9.79
N TYR A 264 20.99 3.89 -8.75
CA TYR A 264 19.88 4.81 -8.63
C TYR A 264 20.35 6.13 -8.06
N GLN A 265 19.56 7.17 -8.40
CA GLN A 265 19.73 8.54 -7.95
C GLN A 265 18.41 9.02 -7.39
N ILE A 266 18.47 9.61 -6.20
CA ILE A 266 17.32 10.30 -5.61
C ILE A 266 17.66 11.78 -5.58
N TYR A 267 16.83 12.59 -6.20
CA TYR A 267 17.09 14.02 -6.27
C TYR A 267 15.78 14.77 -6.38
N GLN A 268 15.87 16.08 -6.17
CA GLN A 268 14.76 16.98 -6.45
C GLN A 268 15.16 17.95 -7.58
N ASN A 273 22.36 15.39 -6.20
CA ASN A 273 21.61 14.26 -5.69
C ASN A 273 21.55 14.31 -4.17
N LEU A 274 20.43 13.85 -3.62
CA LEU A 274 20.32 13.64 -2.19
C LEU A 274 20.89 12.29 -1.77
N LYS A 275 20.81 11.29 -2.65
CA LYS A 275 21.26 9.94 -2.34
C LYS A 275 21.46 9.21 -3.65
N THR A 276 22.46 8.31 -3.64
CA THR A 276 22.73 7.41 -4.76
C THR A 276 23.01 6.04 -4.19
N GLY A 277 22.86 5.01 -5.02
CA GLY A 277 23.05 3.67 -4.53
C GLY A 277 23.19 2.70 -5.68
N LYS A 278 23.16 1.41 -5.33
CA LYS A 278 23.35 0.36 -6.31
C LYS A 278 22.65 -0.90 -5.85
N TYR A 279 22.22 -1.70 -6.81
CA TYR A 279 21.70 -3.03 -6.56
C TYR A 279 22.31 -3.96 -7.61
N ALA A 280 22.38 -5.24 -7.28
CA ALA A 280 22.81 -6.23 -8.26
C ALA A 280 21.72 -6.46 -9.31
N ARG A 281 22.13 -6.60 -10.58
CA ARG A 281 21.25 -7.01 -11.67
C ARG A 281 21.62 -8.44 -12.03
N MET A 282 20.74 -9.37 -11.70
CA MET A 282 21.01 -10.78 -11.88
C MET A 282 20.20 -11.32 -13.04
N ARG A 283 20.70 -12.38 -13.65
CA ARG A 283 20.01 -13.16 -14.65
C ARG A 283 19.86 -14.56 -14.06
N GLY A 284 18.74 -15.19 -14.36
CA GLY A 284 18.46 -16.51 -13.82
C GLY A 284 17.02 -16.89 -14.11
N ALA A 285 16.71 -18.14 -13.77
CA ALA A 285 15.45 -18.76 -14.16
C ALA A 285 14.28 -18.24 -13.35
N HIS A 286 14.55 -17.56 -12.24
CA HIS A 286 13.48 -17.15 -11.32
C HIS A 286 13.46 -15.65 -11.11
N THR A 287 14.12 -14.91 -12.00
CA THR A 287 14.15 -13.46 -11.89
C THR A 287 14.23 -12.88 -13.30
N ASN A 288 14.03 -11.56 -13.36
CA ASN A 288 14.07 -10.79 -14.60
C ASN A 288 14.15 -9.34 -14.17
N ASP A 289 14.30 -8.45 -15.15
CA ASP A 289 14.49 -7.03 -14.81
C ASP A 289 13.24 -6.46 -14.16
N VAL A 290 12.03 -6.87 -14.58
CA VAL A 290 10.82 -6.29 -13.98
C VAL A 290 10.75 -6.66 -12.51
N LYS A 291 10.98 -7.95 -12.21
CA LYS A 291 10.96 -8.37 -10.81
C LYS A 291 11.97 -7.57 -9.99
N GLN A 292 13.19 -7.43 -10.49
CA GLN A 292 14.21 -6.70 -9.73
C GLN A 292 13.83 -5.25 -9.56
N LEU A 293 13.24 -4.64 -10.61
CA LEU A 293 12.88 -3.25 -10.51
C LEU A 293 11.71 -3.06 -9.54
N THR A 294 10.76 -3.99 -9.49
CA THR A 294 9.72 -3.82 -8.45
C THR A 294 10.31 -3.86 -7.05
N GLU A 295 11.31 -4.74 -6.83
CA GLU A 295 11.99 -4.84 -5.56
C GLU A 295 12.72 -3.56 -5.23
N ALA A 296 13.43 -3.00 -6.21
CA ALA A 296 14.18 -1.79 -5.96
C ALA A 296 13.24 -0.62 -5.74
N VAL A 297 12.12 -0.56 -6.47
CA VAL A 297 11.14 0.50 -6.25
C VAL A 297 10.64 0.45 -4.82
N GLN A 298 10.34 -0.74 -4.32
N GLN A 298 10.29 -0.75 -4.34
CA GLN A 298 9.77 -0.84 -2.97
CA GLN A 298 9.82 -0.89 -2.97
C GLN A 298 10.82 -0.56 -1.89
C GLN A 298 10.87 -0.45 -1.96
N LYS A 299 12.09 -0.95 -2.11
CA LYS A 299 13.14 -0.61 -1.15
C LYS A 299 13.47 0.88 -1.15
N ILE A 300 13.61 1.50 -2.34
CA ILE A 300 13.88 2.94 -2.42
C ILE A 300 12.75 3.72 -1.76
N THR A 301 11.50 3.31 -1.99
CA THR A 301 10.39 4.03 -1.39
C THR A 301 10.46 3.92 0.14
N THR A 302 10.63 2.72 0.63
CA THR A 302 10.72 2.53 2.07
C THR A 302 11.81 3.42 2.66
N GLU A 303 13.01 3.40 2.05
CA GLU A 303 14.10 4.22 2.55
C GLU A 303 13.75 5.69 2.48
N SER A 304 13.08 6.11 1.39
CA SER A 304 12.74 7.53 1.24
C SER A 304 11.73 7.96 2.29
N ILE A 305 10.78 7.08 2.63
CA ILE A 305 9.81 7.40 3.68
C ILE A 305 10.55 7.58 5.01
N VAL A 306 11.45 6.65 5.33
CA VAL A 306 12.22 6.74 6.57
C VAL A 306 13.06 8.01 6.58
N ILE A 307 13.75 8.32 5.47
CA ILE A 307 14.70 9.43 5.54
C ILE A 307 14.01 10.76 5.44
N TRP A 308 13.03 10.90 4.53
CA TRP A 308 12.44 12.20 4.25
C TRP A 308 10.95 12.28 4.49
N GLY A 309 10.26 11.17 4.66
CA GLY A 309 8.81 11.21 4.74
C GLY A 309 8.07 11.43 3.45
N LYS A 310 8.60 10.95 2.34
CA LYS A 310 7.93 11.18 1.06
C LYS A 310 8.17 9.98 0.17
N THR A 311 7.18 9.69 -0.68
CA THR A 311 7.28 8.63 -1.68
C THR A 311 7.76 9.23 -3.00
N PRO A 312 8.84 8.71 -3.59
CA PRO A 312 9.34 9.29 -4.84
C PRO A 312 8.45 8.99 -6.04
N LYS A 313 8.53 9.87 -7.03
CA LYS A 313 8.15 9.54 -8.41
C LYS A 313 9.35 8.83 -9.05
N PHE A 314 9.10 7.75 -9.78
CA PHE A 314 10.18 6.94 -10.32
C PHE A 314 10.36 7.11 -11.84
N LYS A 315 11.62 7.02 -12.26
N LYS A 315 11.62 7.02 -12.27
CA LYS A 315 11.98 6.90 -13.67
CA LYS A 315 11.98 6.91 -13.68
C LYS A 315 12.72 5.58 -13.84
C LYS A 315 12.72 5.59 -13.84
N LEU A 316 12.11 4.67 -14.61
CA LEU A 316 12.51 3.27 -14.68
C LEU A 316 13.20 3.02 -16.01
N PRO A 317 14.28 2.20 -16.03
CA PRO A 317 15.02 1.93 -17.28
C PRO A 317 14.43 0.74 -18.03
N ILE A 318 13.18 0.88 -18.45
CA ILE A 318 12.45 -0.20 -19.09
C ILE A 318 11.38 0.42 -19.95
N GLN A 319 10.92 -0.33 -20.95
CA GLN A 319 9.84 0.13 -21.83
C GLN A 319 8.51 0.07 -21.11
N LYS A 320 7.65 1.06 -21.37
CA LYS A 320 6.36 1.13 -20.70
C LYS A 320 5.59 -0.18 -20.89
N GLU A 321 5.44 -0.62 -22.15
CA GLU A 321 4.65 -1.81 -22.42
C GLU A 321 5.14 -3.03 -21.62
N THR A 322 6.45 -3.19 -21.53
CA THR A 322 7.01 -4.32 -20.76
C THR A 322 6.71 -4.17 -19.29
N TRP A 323 6.93 -2.98 -18.75
CA TRP A 323 6.56 -2.73 -17.37
C TRP A 323 5.07 -2.95 -17.17
N GLU A 324 4.25 -2.15 -17.89
CA GLU A 324 2.79 -2.25 -17.74
C GLU A 324 2.33 -3.70 -17.84
N THR A 325 3.07 -4.51 -18.58
CA THR A 325 2.69 -5.90 -18.76
C THR A 325 2.92 -6.74 -17.51
N TRP A 326 4.07 -6.58 -16.83
CA TRP A 326 4.49 -7.55 -15.83
C TRP A 326 4.60 -7.06 -14.39
N TRP A 327 4.51 -5.76 -14.11
CA TRP A 327 4.83 -5.32 -12.75
C TRP A 327 3.88 -5.93 -11.73
N THR A 328 2.60 -6.11 -12.07
CA THR A 328 1.70 -6.69 -11.07
C THR A 328 2.00 -8.15 -10.76
N GLU A 329 2.85 -8.82 -11.54
CA GLU A 329 3.16 -10.20 -11.24
C GLU A 329 3.98 -10.33 -9.96
N TYR A 330 4.76 -9.30 -9.61
CA TYR A 330 5.67 -9.38 -8.48
C TYR A 330 5.40 -8.34 -7.40
N TRP A 331 4.51 -7.37 -7.64
CA TRP A 331 4.31 -6.27 -6.70
C TRP A 331 3.80 -6.78 -5.36
N GLN A 332 4.42 -6.31 -4.25
CA GLN A 332 4.07 -6.75 -2.91
C GLN A 332 3.49 -5.66 -2.02
N ALA A 333 3.74 -4.39 -2.32
CA ALA A 333 3.25 -3.32 -1.47
C ALA A 333 1.76 -3.17 -1.64
N THR A 334 1.10 -2.58 -0.62
CA THR A 334 -0.28 -2.18 -0.78
C THR A 334 -0.43 -0.91 -1.57
N TRP A 335 0.58 -0.07 -1.53
CA TRP A 335 0.59 1.20 -2.25
C TRP A 335 1.23 1.03 -3.62
N ILE A 336 0.97 1.98 -4.52
CA ILE A 336 1.52 1.93 -5.88
C ILE A 336 1.98 3.35 -6.21
N PRO A 337 3.26 3.54 -6.55
CA PRO A 337 3.76 4.90 -6.77
C PRO A 337 3.51 5.34 -8.20
N GLU A 338 3.93 6.56 -8.54
CA GLU A 338 3.91 7.05 -9.92
C GLU A 338 5.25 6.75 -10.59
N TRP A 339 5.18 6.44 -11.88
CA TRP A 339 6.41 6.13 -12.61
C TRP A 339 6.28 6.49 -14.08
N GLU A 340 7.41 6.94 -14.66
CA GLU A 340 7.62 7.18 -16.09
C GLU A 340 8.70 6.23 -16.61
N PHE A 341 8.90 6.24 -17.94
CA PHE A 341 9.84 5.33 -18.56
C PHE A 341 10.74 5.95 -19.64
#